data_1CBR
#
_entry.id   1CBR
#
_cell.length_a   41.440
_cell.length_b   41.440
_cell.length_c   202.800
_cell.angle_alpha   90.00
_cell.angle_beta   90.00
_cell.angle_gamma   90.00
#
_symmetry.space_group_name_H-M   'P 43'
#
loop_
_entity.id
_entity.type
_entity.pdbx_description
1 polymer 'CELLULAR RETINOIC ACID BINDING PROTEIN TYPE I'
2 non-polymer 'RETINOIC ACID'
3 water water
#
_entity_poly.entity_id   1
_entity_poly.type   'polypeptide(L)'
_entity_poly.pdbx_seq_one_letter_code
;PNFAGTWKMRSSENFDELLKALGVNAMLRKVAVAAASKPHVEIRQDGDQFYIKTSTTVRTTEINFKVGEGFEEETVDGRK
CRSLPTWENENKIHCTQTLLEGDGPKTYWTRELANDELILTFGADDVVCTRIYVRE
;
_entity_poly.pdbx_strand_id   A,B
#
loop_
_chem_comp.id
_chem_comp.type
_chem_comp.name
_chem_comp.formula
REA non-polymer 'RETINOIC ACID' 'C20 H28 O2'
#
# COMPACT_ATOMS: atom_id res chain seq x y z
N PRO A 1 -2.83 25.09 24.20
CA PRO A 1 -2.23 24.13 25.16
C PRO A 1 -0.93 23.63 24.52
N ASN A 2 -0.37 22.53 25.00
CA ASN A 2 0.87 22.04 24.43
C ASN A 2 0.87 20.63 23.81
N PHE A 3 0.45 20.55 22.56
CA PHE A 3 0.42 19.30 21.82
C PHE A 3 1.80 19.02 21.27
N ALA A 4 2.73 19.94 21.48
CA ALA A 4 4.08 19.78 20.93
C ALA A 4 4.92 18.71 21.60
N GLY A 5 5.52 17.86 20.78
CA GLY A 5 6.37 16.79 21.28
C GLY A 5 6.29 15.58 20.38
N THR A 6 7.01 14.52 20.73
CA THR A 6 7.00 13.26 19.97
C THR A 6 6.13 12.27 20.75
N TRP A 7 5.14 11.71 20.07
CA TRP A 7 4.20 10.80 20.70
C TRP A 7 4.31 9.36 20.22
N LYS A 8 3.91 8.43 21.10
CA LYS A 8 3.89 7.00 20.80
C LYS A 8 2.54 6.50 21.30
N MET A 9 1.89 5.66 20.50
CA MET A 9 0.57 5.16 20.84
C MET A 9 0.49 4.21 22.03
N ARG A 10 -0.60 4.30 22.78
CA ARG A 10 -0.80 3.47 23.97
C ARG A 10 -1.84 2.39 23.73
N SER A 11 -2.97 2.75 23.12
CA SER A 11 -4.03 1.80 22.83
C SER A 11 -4.74 2.28 21.59
N SER A 12 -5.69 1.50 21.08
CA SER A 12 -6.43 1.87 19.90
C SER A 12 -7.67 1.02 19.79
N GLU A 13 -8.83 1.64 19.68
CA GLU A 13 -10.08 0.90 19.59
C GLU A 13 -10.72 1.27 18.28
N ASN A 14 -11.17 0.25 17.53
CA ASN A 14 -11.86 0.39 16.24
C ASN A 14 -11.18 0.93 14.96
N PHE A 15 -9.91 0.59 14.71
CA PHE A 15 -9.28 1.08 13.50
C PHE A 15 -9.69 0.24 12.29
N ASP A 16 -9.77 -1.07 12.49
CA ASP A 16 -10.15 -1.98 11.42
C ASP A 16 -11.61 -1.72 11.07
N GLU A 17 -12.43 -1.51 12.10
CA GLU A 17 -13.84 -1.25 11.87
C GLU A 17 -14.02 0.05 11.12
N LEU A 18 -13.09 0.99 11.36
CA LEU A 18 -13.08 2.30 10.71
C LEU A 18 -12.75 2.10 9.23
N LEU A 19 -11.59 1.50 8.96
CA LEU A 19 -11.14 1.22 7.60
C LEU A 19 -12.17 0.38 6.84
N LYS A 20 -12.77 -0.58 7.53
CA LYS A 20 -13.79 -1.44 6.95
C LYS A 20 -14.94 -0.54 6.50
N ALA A 21 -15.30 0.43 7.34
CA ALA A 21 -16.39 1.37 7.04
C ALA A 21 -16.05 2.32 5.91
N LEU A 22 -14.76 2.57 5.68
CA LEU A 22 -14.31 3.46 4.61
C LEU A 22 -14.21 2.75 3.27
N GLY A 23 -14.43 1.44 3.27
CA GLY A 23 -14.39 0.68 2.03
C GLY A 23 -13.15 -0.11 1.68
N VAL A 24 -12.09 0.01 2.47
CA VAL A 24 -10.86 -0.75 2.18
C VAL A 24 -11.13 -2.26 2.23
N ASN A 25 -10.49 -3.03 1.37
CA ASN A 25 -10.73 -4.47 1.40
C ASN A 25 -9.81 -5.19 2.40
N ALA A 26 -10.21 -6.39 2.82
CA ALA A 26 -9.47 -7.19 3.80
C ALA A 26 -8.00 -7.39 3.50
N MET A 27 -7.65 -7.44 2.22
CA MET A 27 -6.26 -7.63 1.83
C MET A 27 -5.44 -6.45 2.32
N LEU A 28 -5.97 -5.24 2.10
CA LEU A 28 -5.33 -3.97 2.48
C LEU A 28 -5.41 -3.61 3.97
N ARG A 29 -6.58 -3.85 4.57
CA ARG A 29 -6.77 -3.57 5.99
C ARG A 29 -5.78 -4.31 6.86
N LYS A 30 -5.40 -5.52 6.43
CA LYS A 30 -4.45 -6.33 7.19
C LYS A 30 -3.09 -5.66 7.17
N VAL A 31 -2.81 -4.93 6.08
CA VAL A 31 -1.52 -4.23 5.92
C VAL A 31 -1.57 -2.97 6.75
N ALA A 32 -2.64 -2.20 6.52
CA ALA A 32 -2.87 -0.93 7.19
C ALA A 32 -2.76 -1.08 8.70
N VAL A 33 -3.70 -1.80 9.28
CA VAL A 33 -3.73 -2.04 10.70
C VAL A 33 -2.37 -2.48 11.26
N ALA A 34 -1.76 -3.48 10.64
CA ALA A 34 -0.46 -3.96 11.11
C ALA A 34 0.58 -2.85 11.21
N ALA A 35 0.68 -2.05 10.15
CA ALA A 35 1.64 -0.94 10.08
C ALA A 35 1.20 0.22 10.96
N ALA A 36 -0.12 0.36 11.04
CA ALA A 36 -0.78 1.41 11.79
C ALA A 36 -0.81 1.07 13.27
N SER A 37 -0.01 0.09 13.67
CA SER A 37 0.06 -0.35 15.06
C SER A 37 1.26 0.22 15.76
N LYS A 38 2.22 0.70 14.98
CA LYS A 38 3.42 1.29 15.54
C LYS A 38 3.72 2.63 14.85
N PRO A 39 2.80 3.60 15.02
CA PRO A 39 3.03 4.89 14.40
C PRO A 39 3.89 5.76 15.29
N HIS A 40 4.70 6.61 14.67
CA HIS A 40 5.52 7.55 15.41
C HIS A 40 4.89 8.87 15.02
N VAL A 41 4.75 9.77 15.97
CA VAL A 41 4.13 11.06 15.72
C VAL A 41 4.96 12.20 16.30
N GLU A 42 5.24 13.20 15.46
CA GLU A 42 5.97 14.39 15.89
C GLU A 42 5.02 15.56 15.64
N ILE A 43 4.85 16.39 16.65
CA ILE A 43 3.97 17.53 16.55
C ILE A 43 4.71 18.80 16.94
N ARG A 44 4.67 19.80 16.06
CA ARG A 44 5.28 21.10 16.28
C ARG A 44 4.09 22.05 16.37
N GLN A 45 4.06 22.90 17.39
CA GLN A 45 2.93 23.83 17.55
C GLN A 45 3.28 25.24 18.03
N ASP A 46 2.92 26.24 17.22
CA ASP A 46 3.15 27.64 17.54
C ASP A 46 1.81 28.36 17.65
N GLY A 47 1.20 28.29 18.82
CA GLY A 47 -0.06 28.96 19.06
C GLY A 47 -1.25 28.36 18.37
N ASP A 48 -1.36 28.58 17.07
CA ASP A 48 -2.47 28.04 16.29
C ASP A 48 -1.92 27.40 15.03
N GLN A 49 -0.60 27.51 14.85
CA GLN A 49 0.07 26.93 13.71
C GLN A 49 0.52 25.57 14.19
N PHE A 50 0.14 24.54 13.45
CA PHE A 50 0.46 23.17 13.80
C PHE A 50 1.13 22.46 12.63
N TYR A 51 2.04 21.54 12.96
CA TYR A 51 2.73 20.70 11.99
C TYR A 51 2.61 19.31 12.60
N ILE A 52 1.89 18.43 11.91
CA ILE A 52 1.69 17.08 12.42
C ILE A 52 2.17 16.03 11.44
N LYS A 53 3.27 15.39 11.81
CA LYS A 53 3.89 14.33 11.01
C LYS A 53 3.61 12.95 11.62
N THR A 54 2.82 12.15 10.92
CA THR A 54 2.50 10.82 11.39
C THR A 54 3.14 9.78 10.49
N SER A 55 4.19 9.15 11.01
CA SER A 55 4.93 8.16 10.26
C SER A 55 4.72 6.69 10.65
N THR A 56 4.52 5.85 9.63
CA THR A 56 4.36 4.41 9.80
C THR A 56 5.09 3.78 8.61
N THR A 57 5.29 2.48 8.67
CA THR A 57 6.01 1.77 7.61
C THR A 57 5.48 1.90 6.18
N VAL A 58 4.18 1.70 5.97
CA VAL A 58 3.63 1.79 4.61
C VAL A 58 3.08 3.15 4.21
N ARG A 59 3.12 4.13 5.11
CA ARG A 59 2.60 5.46 4.83
C ARG A 59 2.93 6.48 5.89
N THR A 60 3.48 7.60 5.43
CA THR A 60 3.86 8.70 6.31
C THR A 60 3.17 9.96 5.81
N THR A 61 2.62 10.73 6.74
CA THR A 61 1.95 11.96 6.37
C THR A 61 2.44 13.14 7.17
N GLU A 62 2.35 14.31 6.55
CA GLU A 62 2.76 15.55 7.16
C GLU A 62 1.70 16.58 6.84
N ILE A 63 1.08 17.17 7.86
CA ILE A 63 0.09 18.21 7.64
C ILE A 63 0.58 19.44 8.36
N ASN A 64 0.21 20.60 7.81
CA ASN A 64 0.57 21.89 8.38
C ASN A 64 -0.69 22.72 8.25
N PHE A 65 -1.26 23.13 9.38
CA PHE A 65 -2.47 23.90 9.34
C PHE A 65 -2.53 24.92 10.47
N LYS A 66 -3.35 25.95 10.29
CA LYS A 66 -3.56 26.99 11.30
C LYS A 66 -5.02 26.83 11.69
N VAL A 67 -5.27 26.59 12.98
CA VAL A 67 -6.62 26.35 13.48
C VAL A 67 -7.53 27.46 13.05
N GLY A 68 -8.62 27.08 12.40
CA GLY A 68 -9.58 28.06 11.93
C GLY A 68 -9.51 28.26 10.43
N GLU A 69 -8.32 28.08 9.87
CA GLU A 69 -8.12 28.22 8.43
C GLU A 69 -8.06 26.83 7.78
N GLY A 70 -9.07 26.56 6.96
CA GLY A 70 -9.17 25.29 6.24
C GLY A 70 -7.92 24.95 5.46
N PHE A 71 -7.79 23.67 5.11
CA PHE A 71 -6.64 23.16 4.38
C PHE A 71 -6.98 21.92 3.59
N GLU A 72 -6.05 21.48 2.76
CA GLU A 72 -6.28 20.29 1.96
C GLU A 72 -5.36 19.20 2.49
N GLU A 73 -5.95 18.08 2.85
CA GLU A 73 -5.23 16.95 3.37
C GLU A 73 -5.93 15.71 2.86
N GLU A 74 -5.55 14.54 3.37
CA GLU A 74 -6.17 13.28 2.94
C GLU A 74 -6.93 12.55 4.03
N THR A 75 -8.08 11.99 3.66
CA THR A 75 -8.86 11.20 4.61
C THR A 75 -7.97 9.96 4.89
N VAL A 76 -8.13 9.35 6.08
CA VAL A 76 -7.34 8.18 6.52
C VAL A 76 -7.03 7.13 5.47
N ASP A 77 -8.03 6.83 4.65
CA ASP A 77 -7.86 5.85 3.59
C ASP A 77 -7.33 6.47 2.32
N GLY A 78 -6.54 7.54 2.46
CA GLY A 78 -5.92 8.21 1.32
C GLY A 78 -6.73 8.96 0.27
N ARG A 79 -7.92 9.44 0.59
CA ARG A 79 -8.68 10.22 -0.39
C ARG A 79 -8.21 11.65 -0.29
N LYS A 80 -8.81 12.54 -1.08
CA LYS A 80 -8.46 13.96 -1.05
C LYS A 80 -9.64 14.75 -0.52
N CYS A 81 -9.38 15.64 0.43
CA CYS A 81 -10.43 16.44 1.03
C CYS A 81 -9.92 17.79 1.51
N ARG A 82 -10.86 18.69 1.81
CA ARG A 82 -10.50 20.00 2.34
C ARG A 82 -11.13 19.97 3.71
N SER A 83 -10.31 20.19 4.74
CA SER A 83 -10.81 20.14 6.10
C SER A 83 -10.70 21.47 6.84
N LEU A 84 -11.61 21.70 7.80
CA LEU A 84 -11.65 22.94 8.56
C LEU A 84 -11.51 22.70 10.08
N PRO A 85 -10.30 22.88 10.63
CA PRO A 85 -10.00 22.69 12.04
C PRO A 85 -10.51 23.85 12.88
N THR A 86 -11.12 23.55 14.02
CA THR A 86 -11.67 24.57 14.90
C THR A 86 -11.46 24.17 16.35
N TRP A 87 -11.19 25.13 17.24
CA TRP A 87 -11.03 24.79 18.64
C TRP A 87 -12.43 24.50 19.14
N GLU A 88 -12.66 23.27 19.59
CA GLU A 88 -13.96 22.91 20.13
C GLU A 88 -13.92 23.34 21.58
N ASN A 89 -12.75 23.21 22.19
CA ASN A 89 -12.49 23.59 23.58
C ASN A 89 -11.08 24.14 23.63
N GLU A 90 -10.65 24.50 24.84
CA GLU A 90 -9.32 25.06 25.05
C GLU A 90 -8.21 24.15 24.54
N ASN A 91 -8.37 22.84 24.72
CA ASN A 91 -7.36 21.86 24.29
C ASN A 91 -7.91 20.72 23.45
N LYS A 92 -8.81 21.06 22.54
CA LYS A 92 -9.40 20.07 21.66
C LYS A 92 -9.77 20.72 20.34
N ILE A 93 -9.24 20.14 19.26
CA ILE A 93 -9.45 20.60 17.90
C ILE A 93 -10.43 19.65 17.21
N HIS A 94 -11.44 20.20 16.56
CA HIS A 94 -12.38 19.38 15.83
C HIS A 94 -12.14 19.73 14.38
N CYS A 95 -11.94 18.73 13.54
CA CYS A 95 -11.67 18.99 12.13
C CYS A 95 -12.64 18.27 11.23
N THR A 96 -13.46 19.05 10.54
CA THR A 96 -14.47 18.55 9.62
C THR A 96 -13.81 18.32 8.29
N GLN A 97 -14.15 17.22 7.62
CA GLN A 97 -13.55 16.93 6.33
C GLN A 97 -14.58 16.69 5.23
N THR A 98 -14.31 17.24 4.04
CA THR A 98 -15.18 17.02 2.88
C THR A 98 -14.34 16.59 1.69
N LEU A 99 -14.76 15.49 1.06
CA LEU A 99 -14.08 14.92 -0.09
C LEU A 99 -14.27 15.79 -1.31
N LEU A 100 -13.18 15.97 -2.05
CA LEU A 100 -13.23 16.75 -3.28
C LEU A 100 -13.63 15.81 -4.41
N GLU A 101 -13.65 14.51 -4.10
CA GLU A 101 -13.97 13.47 -5.07
C GLU A 101 -15.35 12.81 -4.95
N GLY A 102 -16.38 13.64 -5.07
CA GLY A 102 -17.76 13.17 -5.04
C GLY A 102 -18.36 12.39 -3.86
N ASP A 103 -18.48 11.07 -4.04
CA ASP A 103 -19.08 10.18 -3.04
C ASP A 103 -18.19 9.72 -1.90
N GLY A 104 -18.82 9.48 -0.74
CA GLY A 104 -18.11 9.03 0.44
C GLY A 104 -18.89 9.14 1.74
N PRO A 105 -18.26 8.84 2.89
CA PRO A 105 -18.91 8.92 4.21
C PRO A 105 -18.46 10.17 4.94
N LYS A 106 -19.34 10.74 5.74
CA LYS A 106 -19.02 11.94 6.50
C LYS A 106 -17.84 11.66 7.43
N THR A 107 -16.65 12.10 7.05
CA THR A 107 -15.48 11.87 7.89
C THR A 107 -15.08 13.11 8.71
N TYR A 108 -14.38 12.87 9.82
CA TYR A 108 -13.90 13.93 10.69
C TYR A 108 -12.76 13.40 11.57
N TRP A 109 -12.14 14.30 12.32
CA TRP A 109 -11.08 13.92 13.24
C TRP A 109 -11.01 14.94 14.36
N THR A 110 -10.62 14.51 15.56
CA THR A 110 -10.54 15.43 16.68
C THR A 110 -9.40 15.10 17.64
N ARG A 111 -8.35 15.91 17.63
CA ARG A 111 -7.22 15.70 18.55
C ARG A 111 -7.47 16.50 19.84
N GLU A 112 -7.26 15.87 20.99
CA GLU A 112 -7.49 16.52 22.28
C GLU A 112 -6.45 16.12 23.32
N LEU A 113 -5.89 17.11 24.03
CA LEU A 113 -4.89 16.85 25.06
C LEU A 113 -5.58 16.65 26.40
N ALA A 114 -5.63 15.42 26.89
CA ALA A 114 -6.31 15.10 28.14
C ALA A 114 -5.58 15.47 29.41
N ASN A 115 -4.33 15.04 29.51
CA ASN A 115 -3.49 15.32 30.67
C ASN A 115 -2.21 14.57 30.37
N ASP A 116 -1.37 15.20 29.56
CA ASP A 116 -0.12 14.58 29.13
C ASP A 116 -0.45 13.37 28.25
N GLU A 117 -1.69 13.32 27.76
CA GLU A 117 -2.17 12.26 26.89
C GLU A 117 -2.83 12.92 25.69
N LEU A 118 -2.78 12.24 24.54
CA LEU A 118 -3.33 12.80 23.32
C LEU A 118 -4.37 11.90 22.66
N ILE A 119 -5.61 12.11 23.05
CA ILE A 119 -6.72 11.31 22.55
C ILE A 119 -7.09 11.67 21.11
N LEU A 120 -6.71 10.84 20.15
CA LEU A 120 -7.06 11.08 18.73
C LEU A 120 -8.32 10.30 18.35
N THR A 121 -9.23 10.95 17.65
CA THR A 121 -10.49 10.33 17.23
C THR A 121 -10.71 10.46 15.75
N PHE A 122 -11.21 9.40 15.14
CA PHE A 122 -11.49 9.38 13.71
C PHE A 122 -12.92 8.93 13.55
N GLY A 123 -13.73 9.71 12.86
CA GLY A 123 -15.09 9.28 12.67
C GLY A 123 -15.31 9.00 11.21
N ALA A 124 -16.33 8.21 10.91
CA ALA A 124 -16.70 7.89 9.54
C ALA A 124 -18.05 7.22 9.59
N ASP A 125 -19.09 8.02 9.83
CA ASP A 125 -20.46 7.51 9.92
C ASP A 125 -20.58 6.56 11.10
N ASP A 126 -21.14 7.03 12.21
CA ASP A 126 -21.33 6.18 13.40
C ASP A 126 -19.99 5.79 13.98
N VAL A 127 -19.27 4.98 13.19
CA VAL A 127 -17.95 4.48 13.55
C VAL A 127 -17.01 5.55 14.10
N VAL A 128 -16.53 5.27 15.29
CA VAL A 128 -15.61 6.12 16.01
C VAL A 128 -14.41 5.26 16.40
N CYS A 129 -13.23 5.71 16.02
CA CYS A 129 -12.02 4.99 16.31
C CYS A 129 -11.21 5.88 17.21
N THR A 130 -10.87 5.39 18.41
CA THR A 130 -10.08 6.19 19.33
C THR A 130 -8.69 5.59 19.48
N ARG A 131 -7.68 6.43 19.31
CA ARG A 131 -6.32 6.00 19.44
C ARG A 131 -5.75 6.97 20.47
N ILE A 132 -5.11 6.44 21.52
CA ILE A 132 -4.58 7.26 22.59
C ILE A 132 -3.07 7.30 22.53
N TYR A 133 -2.50 8.49 22.47
CA TYR A 133 -1.05 8.64 22.40
C TYR A 133 -0.49 9.01 23.75
N VAL A 134 0.83 8.94 23.88
CA VAL A 134 1.52 9.23 25.13
C VAL A 134 2.94 9.75 24.83
N ARG A 135 3.33 10.82 25.52
CA ARG A 135 4.66 11.38 25.29
C ARG A 135 5.72 10.30 25.44
N GLU A 136 6.58 10.18 24.43
CA GLU A 136 7.65 9.19 24.43
C GLU A 136 8.69 9.51 25.49
N PRO B 1 21.97 -19.07 -16.36
CA PRO B 1 22.60 -17.73 -16.36
C PRO B 1 22.56 -17.22 -14.92
N ASN B 2 22.75 -15.91 -14.71
CA ASN B 2 22.72 -15.40 -13.35
C ASN B 2 21.67 -14.34 -13.00
N PHE B 3 20.47 -14.80 -12.67
CA PHE B 3 19.38 -13.92 -12.29
C PHE B 3 19.53 -13.56 -10.82
N ALA B 4 20.54 -14.11 -10.17
CA ALA B 4 20.72 -13.86 -8.74
C ALA B 4 21.21 -12.47 -8.39
N GLY B 5 20.52 -11.84 -7.43
CA GLY B 5 20.89 -10.51 -6.99
C GLY B 5 19.66 -9.74 -6.56
N THR B 6 19.85 -8.49 -6.13
CA THR B 6 18.74 -7.62 -5.73
C THR B 6 18.49 -6.65 -6.87
N TRP B 7 17.25 -6.59 -7.33
CA TRP B 7 16.88 -5.75 -8.45
C TRP B 7 15.96 -4.58 -8.10
N LYS B 8 16.05 -3.52 -8.90
CA LYS B 8 15.21 -2.32 -8.75
C LYS B 8 14.71 -1.99 -10.14
N MET B 9 13.43 -1.65 -10.25
CA MET B 9 12.83 -1.37 -11.54
C MET B 9 13.30 -0.10 -12.24
N ARG B 10 13.36 -0.16 -13.57
CA ARG B 10 13.82 0.96 -14.38
C ARG B 10 12.67 1.63 -15.12
N SER B 11 11.81 0.83 -15.72
CA SER B 11 10.66 1.36 -16.46
C SER B 11 9.56 0.33 -16.38
N SER B 12 8.38 0.66 -16.88
CA SER B 12 7.26 -0.25 -16.87
C SER B 12 6.21 0.21 -17.85
N GLU B 13 5.80 -0.66 -18.77
CA GLU B 13 4.81 -0.29 -19.75
C GLU B 13 3.64 -1.23 -19.57
N ASN B 14 2.43 -0.67 -19.54
CA ASN B 14 1.16 -1.40 -19.41
C ASN B 14 0.74 -2.19 -18.15
N PHE B 15 1.04 -1.69 -16.96
CA PHE B 15 0.64 -2.43 -15.76
C PHE B 15 -0.83 -2.18 -15.46
N ASP B 16 -1.26 -0.93 -15.62
CA ASP B 16 -2.64 -0.56 -15.35
C ASP B 16 -3.53 -1.24 -16.38
N GLU B 17 -3.07 -1.25 -17.62
CA GLU B 17 -3.84 -1.88 -18.69
C GLU B 17 -3.95 -3.38 -18.43
N LEU B 18 -2.92 -3.94 -17.80
CA LEU B 18 -2.87 -5.36 -17.44
C LEU B 18 -3.92 -5.61 -16.36
N LEU B 19 -3.78 -4.91 -15.22
CA LEU B 19 -4.72 -5.03 -14.11
C LEU B 19 -6.16 -4.77 -14.55
N LYS B 20 -6.33 -3.78 -15.43
CA LYS B 20 -7.65 -3.44 -15.96
C LYS B 20 -8.18 -4.67 -16.70
N ALA B 21 -7.31 -5.34 -17.45
CA ALA B 21 -7.69 -6.53 -18.21
C ALA B 21 -7.99 -7.72 -17.31
N LEU B 22 -7.41 -7.74 -16.11
CA LEU B 22 -7.64 -8.83 -15.17
C LEU B 22 -8.90 -8.63 -14.33
N GLY B 23 -9.57 -7.49 -14.51
CA GLY B 23 -10.80 -7.22 -13.81
C GLY B 23 -10.78 -6.35 -12.57
N VAL B 24 -9.60 -5.95 -12.10
CA VAL B 24 -9.51 -5.09 -10.91
C VAL B 24 -10.25 -3.77 -11.16
N ASN B 25 -10.90 -3.22 -10.14
CA ASN B 25 -11.60 -1.95 -10.35
C ASN B 25 -10.68 -0.74 -10.11
N ALA B 26 -11.06 0.40 -10.68
CA ALA B 26 -10.27 1.64 -10.58
C ALA B 26 -9.85 2.05 -9.18
N MET B 27 -10.67 1.72 -8.19
CA MET B 27 -10.37 2.06 -6.82
C MET B 27 -9.08 1.34 -6.40
N LEU B 28 -9.01 0.05 -6.74
CA LEU B 28 -7.87 -0.82 -6.42
C LEU B 28 -6.64 -0.65 -7.30
N ARG B 29 -6.86 -0.48 -8.61
CA ARG B 29 -5.76 -0.28 -9.54
C ARG B 29 -4.91 0.92 -9.18
N LYS B 30 -5.55 1.95 -8.62
CA LYS B 30 -4.83 3.17 -8.23
C LYS B 30 -3.89 2.85 -7.08
N VAL B 31 -4.28 1.87 -6.26
CA VAL B 31 -3.48 1.46 -5.10
C VAL B 31 -2.35 0.59 -5.59
N ALA B 32 -2.73 -0.42 -6.37
CA ALA B 32 -1.81 -1.39 -6.94
C ALA B 32 -0.66 -0.70 -7.66
N VAL B 33 -0.99 -0.04 -8.78
CA VAL B 33 -0.02 0.67 -9.57
C VAL B 33 0.89 1.55 -8.72
N ALA B 34 0.32 2.39 -7.87
CA ALA B 34 1.12 3.27 -7.04
C ALA B 34 2.18 2.52 -6.23
N ALA B 35 1.75 1.45 -5.56
CA ALA B 35 2.64 0.63 -4.73
C ALA B 35 3.57 -0.21 -5.59
N ALA B 36 3.03 -0.61 -6.74
CA ALA B 36 3.71 -1.44 -7.71
C ALA B 36 4.68 -0.62 -8.54
N SER B 37 4.98 0.59 -8.09
CA SER B 37 5.88 1.49 -8.78
C SER B 37 7.26 1.49 -8.16
N LYS B 38 7.34 0.99 -6.93
CA LYS B 38 8.61 0.91 -6.23
C LYS B 38 8.79 -0.48 -5.63
N PRO B 39 8.86 -1.50 -6.49
CA PRO B 39 9.04 -2.85 -5.95
C PRO B 39 10.51 -3.14 -5.74
N HIS B 40 10.80 -3.95 -4.73
CA HIS B 40 12.16 -4.37 -4.44
C HIS B 40 12.09 -5.84 -4.76
N VAL B 41 13.12 -6.36 -5.41
CA VAL B 41 13.15 -7.75 -5.79
C VAL B 41 14.48 -8.40 -5.43
N GLU B 42 14.40 -9.53 -4.74
CA GLU B 42 15.58 -10.30 -4.38
C GLU B 42 15.41 -11.66 -5.05
N ILE B 43 16.45 -12.11 -5.74
CA ILE B 43 16.39 -13.38 -6.43
C ILE B 43 17.59 -14.23 -6.03
N ARG B 44 17.31 -15.46 -5.58
CA ARG B 44 18.33 -16.44 -5.21
C ARG B 44 18.20 -17.53 -6.26
N GLN B 45 19.32 -17.96 -6.85
CA GLN B 45 19.27 -18.99 -7.88
C GLN B 45 20.38 -20.02 -7.87
N ASP B 46 20.00 -21.29 -7.72
CA ASP B 46 20.95 -22.41 -7.72
C ASP B 46 20.66 -23.32 -8.91
N GLY B 47 21.23 -22.98 -10.06
CA GLY B 47 21.05 -23.78 -11.24
C GLY B 47 19.68 -23.75 -11.87
N ASP B 48 18.72 -24.43 -11.26
CA ASP B 48 17.35 -24.45 -11.76
C ASP B 48 16.42 -24.19 -10.60
N GLN B 49 16.97 -24.07 -9.40
CA GLN B 49 16.19 -23.79 -8.21
C GLN B 49 16.22 -22.28 -8.10
N PHE B 50 15.05 -21.69 -8.00
CA PHE B 50 14.90 -20.25 -7.91
C PHE B 50 14.06 -19.87 -6.71
N TYR B 51 14.37 -18.71 -6.13
CA TYR B 51 13.62 -18.15 -5.01
C TYR B 51 13.45 -16.69 -5.43
N ILE B 52 12.20 -16.29 -5.65
CA ILE B 52 11.93 -14.93 -6.10
C ILE B 52 10.99 -14.22 -5.14
N LYS B 53 11.55 -13.25 -4.42
CA LYS B 53 10.81 -12.43 -3.45
C LYS B 53 10.56 -11.03 -4.01
N THR B 54 9.31 -10.73 -4.28
CA THR B 54 8.95 -9.42 -4.81
C THR B 54 8.16 -8.65 -3.76
N SER B 55 8.81 -7.65 -3.17
CA SER B 55 8.19 -6.86 -2.13
C SER B 55 7.77 -5.43 -2.51
N THR B 56 6.56 -5.07 -2.11
CA THR B 56 6.01 -3.74 -2.33
C THR B 56 5.20 -3.42 -1.08
N THR B 57 4.80 -2.16 -0.93
CA THR B 57 4.06 -1.74 0.25
C THR B 57 2.75 -2.47 0.59
N VAL B 58 1.87 -2.66 -0.38
CA VAL B 58 0.60 -3.34 -0.10
C VAL B 58 0.58 -4.84 -0.36
N ARG B 59 1.70 -5.40 -0.83
CA ARG B 59 1.78 -6.83 -1.11
C ARG B 59 3.18 -7.32 -1.42
N THR B 60 3.57 -8.37 -0.71
CA THR B 60 4.87 -8.97 -0.87
C THR B 60 4.68 -10.45 -1.20
N THR B 61 5.44 -10.94 -2.16
CA THR B 61 5.33 -12.34 -2.54
C THR B 61 6.67 -13.04 -2.57
N GLU B 62 6.64 -14.33 -2.31
CA GLU B 62 7.83 -15.15 -2.32
C GLU B 62 7.47 -16.43 -3.04
N ILE B 63 8.19 -16.74 -4.11
CA ILE B 63 7.96 -18.00 -4.82
C ILE B 63 9.26 -18.76 -4.82
N ASN B 64 9.14 -20.08 -4.83
CA ASN B 64 10.30 -20.97 -4.85
C ASN B 64 9.92 -22.05 -5.84
N PHE B 65 10.67 -22.14 -6.94
CA PHE B 65 10.35 -23.14 -7.95
C PHE B 65 11.61 -23.67 -8.61
N LYS B 66 11.49 -24.87 -9.22
CA LYS B 66 12.58 -25.50 -9.95
C LYS B 66 12.09 -25.53 -11.39
N VAL B 67 12.85 -24.92 -12.29
CA VAL B 67 12.46 -24.82 -13.69
C VAL B 67 12.14 -26.19 -14.24
N GLY B 68 10.94 -26.32 -14.79
CA GLY B 68 10.51 -27.59 -15.34
C GLY B 68 9.48 -28.28 -14.47
N GLU B 69 9.57 -28.04 -13.16
CA GLU B 69 8.64 -28.63 -12.21
C GLU B 69 7.61 -27.59 -11.80
N GLY B 70 6.35 -27.85 -12.19
CA GLY B 70 5.24 -26.98 -11.88
C GLY B 70 5.12 -26.65 -10.40
N PHE B 71 4.39 -25.59 -10.10
CA PHE B 71 4.20 -25.14 -8.72
C PHE B 71 2.91 -24.35 -8.58
N GLU B 72 2.55 -24.04 -7.34
CA GLU B 72 1.34 -23.28 -7.09
C GLU B 72 1.75 -21.91 -6.59
N GLU B 73 1.26 -20.90 -7.29
CA GLU B 73 1.55 -19.52 -6.96
C GLU B 73 0.28 -18.73 -7.25
N GLU B 74 0.37 -17.40 -7.20
CA GLU B 74 -0.77 -16.55 -7.49
C GLU B 74 -0.63 -15.66 -8.72
N THR B 75 -1.72 -15.54 -9.47
CA THR B 75 -1.70 -14.66 -10.63
C THR B 75 -1.56 -13.24 -10.04
N VAL B 76 -1.01 -12.30 -10.82
CA VAL B 76 -0.75 -10.90 -10.38
C VAL B 76 -1.84 -10.26 -9.55
N ASP B 77 -3.08 -10.49 -9.93
CA ASP B 77 -4.21 -9.94 -9.21
C ASP B 77 -4.66 -10.83 -8.07
N GLY B 78 -3.72 -11.57 -7.49
CA GLY B 78 -3.99 -12.45 -6.37
C GLY B 78 -4.87 -13.69 -6.46
N ARG B 79 -5.03 -14.28 -7.64
CA ARG B 79 -5.84 -15.49 -7.75
C ARG B 79 -4.92 -16.66 -7.43
N LYS B 80 -5.46 -17.87 -7.50
CA LYS B 80 -4.66 -19.08 -7.23
C LYS B 80 -4.52 -19.86 -8.52
N CYS B 81 -3.30 -20.28 -8.82
CA CYS B 81 -3.04 -21.03 -10.03
C CYS B 81 -1.86 -21.98 -9.88
N ARG B 82 -1.72 -22.90 -10.83
CA ARG B 82 -0.60 -23.82 -10.84
C ARG B 82 0.12 -23.46 -12.11
N SER B 83 1.39 -23.11 -11.99
CA SER B 83 2.18 -22.69 -13.14
C SER B 83 3.34 -23.62 -13.47
N LEU B 84 3.70 -23.70 -14.74
CA LEU B 84 4.79 -24.56 -15.21
C LEU B 84 5.90 -23.78 -15.92
N PRO B 85 6.99 -23.49 -15.20
CA PRO B 85 8.15 -22.74 -15.73
C PRO B 85 9.02 -23.63 -16.61
N THR B 86 9.46 -23.08 -17.74
CA THR B 86 10.27 -23.83 -18.69
C THR B 86 11.32 -22.91 -19.30
N TRP B 87 12.53 -23.40 -19.56
CA TRP B 87 13.55 -22.57 -20.19
C TRP B 87 13.10 -22.44 -21.64
N GLU B 88 12.81 -21.21 -22.07
CA GLU B 88 12.42 -20.98 -23.45
C GLU B 88 13.73 -20.85 -24.21
N ASN B 89 14.73 -20.26 -23.56
CA ASN B 89 16.07 -20.06 -24.10
C ASN B 89 17.05 -20.22 -22.95
N GLU B 90 18.32 -20.04 -23.24
CA GLU B 90 19.37 -20.18 -22.26
C GLU B 90 19.16 -19.28 -21.03
N ASN B 91 18.68 -18.06 -21.26
CA ASN B 91 18.45 -17.10 -20.17
C ASN B 91 17.05 -16.49 -20.17
N LYS B 92 16.06 -17.32 -20.43
CA LYS B 92 14.69 -16.86 -20.45
C LYS B 92 13.76 -17.99 -20.03
N ILE B 93 12.96 -17.71 -19.00
CA ILE B 93 12.02 -18.67 -18.44
C ILE B 93 10.62 -18.27 -18.88
N HIS B 94 9.85 -19.21 -19.38
CA HIS B 94 8.48 -18.94 -19.76
C HIS B 94 7.64 -19.71 -18.77
N CYS B 95 6.68 -19.05 -18.13
CA CYS B 95 5.85 -19.71 -17.13
C CYS B 95 4.38 -19.60 -17.46
N THR B 96 3.78 -20.74 -17.78
CA THR B 96 2.36 -20.82 -18.12
C THR B 96 1.58 -20.94 -16.83
N GLN B 97 0.44 -20.25 -16.75
CA GLN B 97 -0.36 -20.31 -15.55
C GLN B 97 -1.80 -20.71 -15.80
N THR B 98 -2.35 -21.56 -14.93
CA THR B 98 -3.76 -21.97 -15.04
C THR B 98 -4.43 -21.80 -13.68
N LEU B 99 -5.57 -21.11 -13.68
CA LEU B 99 -6.34 -20.85 -12.47
C LEU B 99 -7.00 -22.11 -11.97
N LEU B 100 -6.95 -22.30 -10.67
CA LEU B 100 -7.58 -23.46 -10.04
C LEU B 100 -9.04 -23.09 -9.75
N GLU B 101 -9.35 -21.80 -9.93
CA GLU B 101 -10.68 -21.26 -9.65
C GLU B 101 -11.55 -20.93 -10.87
N GLY B 102 -11.82 -21.95 -11.68
CA GLY B 102 -12.67 -21.81 -12.85
C GLY B 102 -12.39 -20.83 -13.98
N ASP B 103 -13.13 -19.72 -13.99
CA ASP B 103 -13.04 -18.69 -15.03
C ASP B 103 -11.92 -17.67 -14.90
N GLY B 104 -11.45 -17.19 -16.06
CA GLY B 104 -10.40 -16.20 -16.10
C GLY B 104 -9.74 -16.02 -17.47
N PRO B 105 -8.68 -15.21 -17.57
CA PRO B 105 -7.97 -14.96 -18.83
C PRO B 105 -6.67 -15.74 -18.86
N LYS B 106 -6.26 -16.18 -20.04
CA LYS B 106 -5.02 -16.93 -20.20
C LYS B 106 -3.84 -16.07 -19.71
N THR B 107 -3.36 -16.35 -18.50
CA THR B 107 -2.23 -15.58 -17.98
C THR B 107 -0.89 -16.34 -18.09
N TYR B 108 0.19 -15.57 -18.11
CA TYR B 108 1.55 -16.12 -18.19
C TYR B 108 2.56 -15.08 -17.72
N TRP B 109 3.81 -15.50 -17.61
CA TRP B 109 4.87 -14.60 -17.22
C TRP B 109 6.19 -15.11 -17.79
N THR B 110 7.12 -14.21 -18.11
CA THR B 110 8.40 -14.64 -18.66
C THR B 110 9.55 -13.75 -18.22
N ARG B 111 10.42 -14.25 -17.33
CA ARG B 111 11.59 -13.48 -16.89
C ARG B 111 12.78 -13.82 -17.81
N GLU B 112 13.50 -12.80 -18.26
CA GLU B 112 14.63 -12.99 -19.15
C GLU B 112 15.77 -12.02 -18.85
N LEU B 113 17.00 -12.56 -18.77
CA LEU B 113 18.18 -11.74 -18.48
C LEU B 113 18.78 -11.24 -19.80
N ALA B 114 18.61 -9.95 -20.09
CA ALA B 114 19.09 -9.37 -21.36
C ALA B 114 20.57 -9.10 -21.43
N ASN B 115 21.09 -8.39 -20.44
CA ASN B 115 22.50 -8.05 -20.37
C ASN B 115 22.60 -7.20 -19.13
N ASP B 116 22.67 -7.87 -17.98
CA ASP B 116 22.70 -7.18 -16.69
C ASP B 116 21.37 -6.46 -16.48
N GLU B 117 20.37 -6.85 -17.26
CA GLU B 117 19.02 -6.31 -17.17
C GLU B 117 18.05 -7.48 -17.08
N LEU B 118 16.92 -7.26 -16.41
CA LEU B 118 15.94 -8.31 -16.20
C LEU B 118 14.56 -7.95 -16.72
N ILE B 119 14.32 -8.28 -17.97
CA ILE B 119 13.06 -7.98 -18.62
C ILE B 119 11.93 -8.90 -18.15
N LEU B 120 11.04 -8.39 -17.30
CA LEU B 120 9.88 -9.18 -16.83
C LEU B 120 8.64 -8.89 -17.66
N THR B 121 7.93 -9.93 -18.06
CA THR B 121 6.74 -9.80 -18.89
C THR B 121 5.55 -10.48 -18.26
N PHE B 122 4.38 -9.84 -18.33
CA PHE B 122 3.16 -10.39 -17.79
C PHE B 122 2.13 -10.34 -18.90
N GLY B 123 1.53 -11.47 -19.20
CA GLY B 123 0.52 -11.46 -20.24
C GLY B 123 -0.81 -11.76 -19.62
N ALA B 124 -1.88 -11.38 -20.32
CA ALA B 124 -3.23 -11.65 -19.87
C ALA B 124 -4.14 -11.33 -21.03
N ASP B 125 -4.15 -12.20 -22.04
CA ASP B 125 -4.98 -12.01 -23.23
C ASP B 125 -4.54 -10.75 -23.97
N ASP B 126 -3.77 -10.91 -25.05
CA ASP B 126 -3.31 -9.78 -25.86
C ASP B 126 -2.37 -8.91 -25.03
N VAL B 127 -2.94 -8.29 -24.01
CA VAL B 127 -2.23 -7.42 -23.09
C VAL B 127 -0.90 -7.99 -22.60
N VAL B 128 0.14 -7.21 -22.85
CA VAL B 128 1.49 -7.53 -22.47
C VAL B 128 2.02 -6.34 -21.68
N CYS B 129 2.52 -6.63 -20.48
CA CYS B 129 3.04 -5.61 -19.61
C CYS B 129 4.51 -5.91 -19.44
N THR B 130 5.38 -4.97 -19.80
CA THR B 130 6.80 -5.19 -19.65
C THR B 130 7.36 -4.30 -18.56
N ARG B 131 8.08 -4.89 -17.63
CA ARG B 131 8.69 -4.14 -16.56
C ARG B 131 10.16 -4.55 -16.64
N ILE B 132 11.04 -3.55 -16.68
CA ILE B 132 12.46 -3.81 -16.82
C ILE B 132 13.19 -3.53 -15.53
N TYR B 133 13.92 -4.51 -15.03
CA TYR B 133 14.65 -4.35 -13.76
C TYR B 133 16.12 -4.09 -14.04
N VAL B 134 16.85 -3.68 -13.00
CA VAL B 134 18.26 -3.35 -13.10
C VAL B 134 18.96 -3.62 -11.76
N ARG B 135 20.13 -4.26 -11.80
CA ARG B 135 20.84 -4.56 -10.58
C ARG B 135 21.04 -3.29 -9.75
N GLU B 136 20.63 -3.35 -8.48
CA GLU B 136 20.76 -2.21 -7.58
C GLU B 136 22.22 -1.89 -7.28
C1 REA C . -2.43 1.68 2.77
C2 REA C . -3.10 1.69 1.37
C3 REA C . -4.54 1.26 1.36
C4 REA C . -5.40 2.09 2.25
C5 REA C . -4.75 2.38 3.61
C6 REA C . -3.41 2.28 3.82
C7 REA C . -2.75 2.56 5.12
C8 REA C . -3.08 3.45 6.05
C9 REA C . -2.39 3.71 7.29
C10 REA C . -2.90 4.63 8.13
C11 REA C . -2.31 4.99 9.40
C12 REA C . -2.92 5.90 10.16
C13 REA C . -2.39 6.35 11.43
C14 REA C . -3.09 7.28 12.14
C15 REA C . -2.74 7.86 13.43
C16 REA C . -1.16 2.53 2.68
C17 REA C . -2.06 0.23 3.17
C18 REA C . -5.80 2.91 4.58
C19 REA C . -1.14 2.89 7.66
C20 REA C . -1.06 5.77 11.93
O1 REA C . -2.43 7.12 14.39
O2 REA C . -2.74 9.11 13.56
C1 REA D . -3.87 -5.22 -4.17
C2 REA D . -5.26 -5.87 -3.98
C3 REA D . -6.17 -5.81 -5.17
C4 REA D . -5.57 -6.45 -6.38
C5 REA D . -4.09 -6.08 -6.58
C6 REA D . -3.30 -5.62 -5.58
C7 REA D . -1.87 -5.27 -5.73
C8 REA D . -0.96 -5.83 -6.53
C9 REA D . 0.44 -5.47 -6.63
C10 REA D . 1.20 -6.13 -7.52
C11 REA D . 2.62 -5.88 -7.71
C12 REA D . 3.27 -6.58 -8.65
C13 REA D . 4.68 -6.43 -8.91
C14 REA D . 5.27 -7.17 -9.87
C15 REA D . 6.68 -7.18 -10.29
C16 REA D . -2.94 -5.75 -3.07
C17 REA D . -3.99 -3.68 -4.07
C18 REA D . -3.65 -6.46 -8.00
C19 REA D . 1.00 -4.33 -5.77
C20 REA D . 5.48 -5.42 -8.05
O1 REA D . 7.24 -6.08 -10.56
O2 REA D . 7.28 -8.26 -10.37
#